data_5H4U
#
_entry.id   5H4U
#
_cell.length_a   81.714
_cell.length_b   81.714
_cell.length_c   89.352
_cell.angle_alpha   90.00
_cell.angle_beta   90.00
_cell.angle_gamma   120.00
#
_symmetry.space_group_name_H-M   'P 31'
#
loop_
_entity.id
_entity.type
_entity.pdbx_description
1 polymer Endo-beta-1,4-glucanase
2 water water
#
_entity_poly.entity_id   1
_entity_poly.type   'polypeptide(L)'
_entity_poly.pdbx_seq_one_letter_code
;MKVFVVLAAIVAIANGLTSGSGVTTRYWDCCKPSCSWGGKASVTKPVRTCKANGNTTIDSNTQSGCNGGSSYVCNDQQPF
TQGNVGYGFAAASISGQPESQTCCACYEMTFTNTAISGQKMIVQVTNTGSDLNGNHFDLMIPGGGVGIFNGCQSQWGAPS
NGWGQRYGGISSQSECNQLPTSLRAGCNWRFGWFKNADNPSMKFTQVRCPTILTQKSQCVRTPGPHHHHHH
;
_entity_poly.pdbx_strand_id   A,B,C
#
# COMPACT_ATOMS: atom_id res chain seq x y z
N LEU A 17 6.67 13.51 4.48
CA LEU A 17 7.74 12.57 4.18
C LEU A 17 9.08 13.18 4.61
N THR A 18 10.05 12.34 4.92
CA THR A 18 11.28 12.75 5.58
C THR A 18 12.37 12.94 4.55
N SER A 19 13.16 13.99 4.72
CA SER A 19 14.32 14.15 3.86
C SER A 19 15.33 14.98 4.62
N GLY A 20 16.59 14.87 4.22
CA GLY A 20 17.61 15.69 4.84
C GLY A 20 18.99 15.21 4.46
N SER A 21 19.97 15.59 5.27
CA SER A 21 21.35 15.21 5.10
C SER A 21 21.69 14.15 6.14
N GLY A 22 22.64 13.28 5.82
CA GLY A 22 22.97 12.27 6.81
C GLY A 22 24.32 11.65 6.56
N VAL A 23 24.69 10.79 7.49
CA VAL A 23 25.92 10.02 7.39
C VAL A 23 25.57 8.54 7.32
N THR A 24 26.49 7.75 6.79
CA THR A 24 26.26 6.32 6.63
C THR A 24 27.38 5.54 7.31
N THR A 25 27.16 4.24 7.50
CA THR A 25 28.20 3.31 7.93
C THR A 25 27.98 2.03 7.14
N ARG A 26 28.81 1.02 7.38
CA ARG A 26 28.59 -0.29 6.77
C ARG A 26 28.61 -1.38 7.83
N TYR A 27 27.76 -2.38 7.67
CA TYR A 27 27.73 -3.40 8.71
C TYR A 27 26.99 -4.62 8.23
N TRP A 28 27.32 -5.76 8.82
CA TRP A 28 26.60 -7.00 8.56
C TRP A 28 26.87 -7.92 9.76
N ASP A 29 25.99 -7.86 10.72
CA ASP A 29 26.10 -8.67 11.92
C ASP A 29 25.24 -9.93 11.84
N CYS A 30 24.52 -10.14 10.73
CA CYS A 30 23.73 -11.33 10.50
C CYS A 30 22.48 -11.41 11.38
N CYS A 31 22.20 -10.42 12.22
CA CYS A 31 21.15 -10.59 13.22
C CYS A 31 19.77 -10.40 12.62
N LYS A 32 18.76 -10.94 13.29
CA LYS A 32 17.40 -10.69 12.85
C LYS A 32 17.10 -9.21 13.05
N PRO A 33 16.72 -8.49 11.99
CA PRO A 33 16.58 -7.03 12.10
C PRO A 33 15.32 -6.64 12.87
N SER A 34 15.39 -5.46 13.49
CA SER A 34 14.35 -5.09 14.45
C SER A 34 12.97 -4.97 13.80
N CYS A 35 12.91 -4.59 12.53
CA CYS A 35 11.62 -4.47 11.85
C CYS A 35 11.07 -5.82 11.41
N SER A 36 11.77 -6.91 11.75
CA SER A 36 11.28 -8.26 11.49
C SER A 36 10.33 -8.76 12.56
N TRP A 37 10.05 -8.01 13.61
CA TRP A 37 9.00 -8.41 14.54
C TRP A 37 7.66 -7.80 14.12
N GLY A 38 6.59 -8.46 14.53
CA GLY A 38 5.27 -7.90 14.33
C GLY A 38 5.00 -6.77 15.30
N GLY A 39 4.10 -5.88 14.90
CA GLY A 39 3.71 -4.80 15.78
C GLY A 39 4.65 -3.62 15.87
N LYS A 40 5.65 -3.53 14.99
CA LYS A 40 6.55 -2.39 15.03
C LYS A 40 6.12 -1.26 14.11
N ALA A 41 5.36 -1.57 13.08
CA ALA A 41 4.77 -0.52 12.27
C ALA A 41 3.58 -1.12 11.55
N SER A 42 2.73 -0.24 11.03
CA SER A 42 1.64 -0.68 10.18
C SER A 42 2.18 -1.17 8.84
N VAL A 43 2.20 -2.49 8.66
CA VAL A 43 2.77 -3.10 7.46
C VAL A 43 1.96 -4.31 7.03
N THR A 44 2.18 -4.72 5.78
CA THR A 44 1.54 -5.91 5.24
C THR A 44 2.02 -7.15 5.99
N LYS A 45 3.33 -7.26 6.19
CA LYS A 45 4.03 -8.33 6.87
C LYS A 45 5.29 -7.73 7.47
N PRO A 46 5.81 -8.27 8.56
CA PRO A 46 7.12 -7.80 9.04
C PRO A 46 8.16 -8.16 8.02
N VAL A 47 9.37 -7.61 8.19
CA VAL A 47 10.44 -7.98 7.28
C VAL A 47 10.75 -9.46 7.45
N ARG A 48 10.93 -10.13 6.32
CA ARG A 48 11.17 -11.57 6.29
C ARG A 48 12.50 -11.93 6.95
N THR A 49 12.49 -12.93 7.83
CA THR A 49 13.73 -13.49 8.33
C THR A 49 13.86 -14.96 7.93
N CYS A 50 15.06 -15.47 8.06
CA CYS A 50 15.35 -16.77 7.51
C CYS A 50 15.99 -17.66 8.55
N LYS A 51 16.08 -18.92 8.16
CA LYS A 51 16.82 -19.90 8.94
C LYS A 51 18.31 -19.66 8.73
N ALA A 52 19.13 -20.44 9.42
CA ALA A 52 20.57 -20.26 9.33
C ALA A 52 21.08 -20.26 7.91
N ASN A 53 20.44 -20.99 7.01
CA ASN A 53 21.01 -21.10 5.68
C ASN A 53 20.90 -19.81 4.89
N GLY A 54 20.08 -18.87 5.34
CA GLY A 54 19.92 -17.62 4.63
C GLY A 54 18.88 -17.63 3.54
N ASN A 55 18.20 -18.76 3.29
CA ASN A 55 17.21 -18.84 2.23
C ASN A 55 15.79 -19.23 2.67
N THR A 56 15.63 -20.21 3.56
CA THR A 56 14.30 -20.71 3.87
C THR A 56 13.66 -19.87 4.98
N THR A 57 12.40 -19.51 4.78
CA THR A 57 11.73 -18.58 5.67
C THR A 57 11.47 -19.19 7.04
N ILE A 58 11.73 -18.41 8.08
CA ILE A 58 11.45 -18.81 9.45
C ILE A 58 10.34 -17.90 9.96
N ASP A 59 9.69 -18.31 11.06
CA ASP A 59 8.55 -17.54 11.56
C ASP A 59 9.02 -16.20 12.12
N SER A 60 8.22 -15.16 11.90
CA SER A 60 8.59 -13.82 12.35
C SER A 60 8.66 -13.69 13.87
N ASN A 61 8.10 -14.64 14.62
CA ASN A 61 8.22 -14.58 16.07
C ASN A 61 9.37 -15.43 16.59
N THR A 62 10.03 -16.21 15.74
CA THR A 62 11.19 -16.95 16.20
C THR A 62 12.29 -15.99 16.68
N GLN A 63 12.89 -16.34 17.82
CA GLN A 63 13.94 -15.52 18.40
C GLN A 63 15.18 -15.52 17.48
N SER A 64 15.96 -14.46 17.60
CA SER A 64 17.11 -14.22 16.75
C SER A 64 18.32 -15.03 17.21
N GLY A 65 19.13 -15.46 16.22
CA GLY A 65 20.38 -16.10 16.55
C GLY A 65 21.27 -15.22 17.39
N CYS A 66 21.16 -13.90 17.21
CA CYS A 66 21.92 -12.97 18.04
C CYS A 66 21.50 -13.03 19.51
N ASN A 67 20.30 -13.53 19.82
CA ASN A 67 19.83 -13.61 21.19
C ASN A 67 19.65 -15.06 21.62
N GLY A 68 20.34 -15.97 20.96
CA GLY A 68 20.27 -17.36 21.32
C GLY A 68 19.24 -18.17 20.60
N GLY A 69 18.51 -17.57 19.66
CA GLY A 69 17.53 -18.29 18.88
C GLY A 69 18.09 -18.81 17.58
N SER A 70 17.24 -18.85 16.56
CA SER A 70 17.65 -19.49 15.31
C SER A 70 17.25 -18.71 14.05
N SER A 71 16.90 -17.45 14.17
CA SER A 71 16.47 -16.63 13.03
C SER A 71 17.54 -15.64 12.61
N TYR A 72 17.78 -15.51 11.31
CA TYR A 72 18.85 -14.66 10.78
C TYR A 72 18.34 -13.77 9.66
N VAL A 73 19.20 -12.83 9.23
CA VAL A 73 18.89 -12.02 8.06
C VAL A 73 19.02 -12.89 6.80
N CYS A 74 18.19 -12.60 5.80
CA CYS A 74 18.12 -13.44 4.60
C CYS A 74 19.20 -13.05 3.60
N ASN A 75 19.74 -14.06 2.89
CA ASN A 75 20.72 -13.81 1.85
C ASN A 75 20.17 -12.81 0.86
N ASP A 76 18.86 -12.78 0.77
CA ASP A 76 18.06 -11.93 -0.10
C ASP A 76 18.22 -10.46 0.22
N GLN A 77 18.70 -10.13 1.40
CA GLN A 77 18.75 -8.75 1.84
C GLN A 77 20.13 -8.14 1.71
N GLN A 78 20.89 -8.56 0.72
CA GLN A 78 22.17 -8.03 0.32
C GLN A 78 22.01 -6.86 -0.64
N PRO A 79 23.01 -5.97 -0.69
CA PRO A 79 22.95 -4.85 -1.61
C PRO A 79 23.16 -5.32 -3.04
N PHE A 80 22.56 -4.58 -3.96
CA PHE A 80 22.64 -4.90 -5.38
C PHE A 80 22.47 -3.63 -6.18
N THR A 81 22.34 -3.81 -7.48
CA THR A 81 22.14 -2.74 -8.44
C THR A 81 21.01 -3.07 -9.39
N GLN A 82 20.35 -2.02 -9.87
CA GLN A 82 19.48 -2.11 -11.03
C GLN A 82 19.86 -0.94 -11.94
N GLY A 83 20.31 -1.25 -13.15
CA GLY A 83 20.96 -0.22 -13.95
C GLY A 83 22.13 0.34 -13.17
N ASN A 84 22.23 1.67 -13.11
CA ASN A 84 23.30 2.29 -12.34
C ASN A 84 22.88 2.63 -10.92
N VAL A 85 21.69 2.24 -10.50
CA VAL A 85 21.17 2.64 -9.20
C VAL A 85 21.47 1.55 -8.20
N GLY A 86 21.96 1.95 -7.02
CA GLY A 86 22.13 1.01 -5.95
C GLY A 86 20.83 0.73 -5.23
N TYR A 87 20.76 -0.47 -4.65
CA TYR A 87 19.60 -0.92 -3.90
C TYR A 87 20.08 -1.72 -2.70
N GLY A 88 19.38 -1.60 -1.59
CA GLY A 88 19.78 -2.40 -0.45
C GLY A 88 18.87 -2.17 0.73
N PHE A 89 19.34 -2.66 1.86
CA PHE A 89 18.63 -2.56 3.12
C PHE A 89 19.56 -1.88 4.13
N ALA A 90 18.96 -1.26 5.13
CA ALA A 90 19.76 -0.47 6.05
C ALA A 90 19.10 -0.40 7.42
N ALA A 91 19.95 -0.13 8.41
CA ALA A 91 19.50 0.37 9.69
C ALA A 91 19.46 1.89 9.62
N ALA A 92 18.54 2.48 10.35
CA ALA A 92 18.48 3.93 10.34
C ALA A 92 18.15 4.45 11.71
N SER A 93 18.58 5.67 11.94
CA SER A 93 18.39 6.42 13.17
C SER A 93 18.11 7.81 12.62
N ILE A 94 16.83 8.12 12.41
CA ILE A 94 16.46 9.33 11.69
C ILE A 94 15.92 10.37 12.66
N SER A 95 16.80 11.24 13.15
CA SER A 95 16.46 12.48 13.85
C SER A 95 15.21 12.34 14.71
N GLY A 96 15.32 11.53 15.76
CA GLY A 96 14.23 11.36 16.69
C GLY A 96 12.92 10.94 16.05
N GLN A 97 12.92 9.78 15.39
CA GLN A 97 11.74 9.19 14.79
C GLN A 97 11.55 7.78 15.33
N PRO A 98 10.32 7.41 15.65
CA PRO A 98 10.06 6.07 16.19
C PRO A 98 9.97 5.04 15.07
N GLU A 99 10.08 3.77 15.48
CA GLU A 99 10.06 2.69 14.48
C GLU A 99 8.74 2.66 13.71
N SER A 100 7.65 3.13 14.30
CA SER A 100 6.42 3.19 13.54
C SER A 100 6.57 4.07 12.31
N GLN A 101 7.52 5.00 12.32
CA GLN A 101 7.71 5.87 11.18
C GLN A 101 8.84 5.43 10.25
N THR A 102 9.76 4.57 10.71
CA THR A 102 10.91 4.21 9.90
C THR A 102 10.90 2.77 9.42
N CYS A 103 10.26 1.86 10.15
CA CYS A 103 10.32 0.45 9.79
C CYS A 103 9.69 0.19 8.43
N CYS A 104 10.51 -0.35 7.52
CA CYS A 104 10.15 -0.67 6.15
C CYS A 104 9.87 0.57 5.31
N ALA A 105 10.29 1.73 5.75
CA ALA A 105 10.26 2.90 4.90
C ALA A 105 11.48 2.87 3.99
N CYS A 106 11.31 3.42 2.80
CA CYS A 106 12.40 3.51 1.84
C CYS A 106 12.88 4.93 1.68
N TYR A 107 14.18 5.05 1.49
CA TYR A 107 14.80 6.34 1.28
C TYR A 107 15.71 6.19 0.07
N GLU A 108 15.67 7.17 -0.82
CA GLU A 108 16.67 7.26 -1.87
C GLU A 108 17.64 8.39 -1.53
N MET A 109 18.93 8.08 -1.59
CA MET A 109 19.97 8.98 -1.16
C MET A 109 20.94 9.23 -2.31
N THR A 110 21.40 10.47 -2.39
CA THR A 110 22.49 10.86 -3.29
C THR A 110 23.73 11.01 -2.42
N PHE A 111 24.74 10.21 -2.72
CA PHE A 111 25.98 10.33 -1.98
C PHE A 111 26.65 11.65 -2.27
N THR A 112 27.22 12.23 -1.22
CA THR A 112 27.68 13.61 -1.25
C THR A 112 29.19 13.78 -1.17
N ASN A 113 29.97 12.74 -0.85
CA ASN A 113 31.36 13.05 -0.61
C ASN A 113 32.42 11.98 -0.85
N THR A 114 32.13 10.80 -1.40
CA THR A 114 33.37 10.03 -1.60
C THR A 114 33.66 9.82 -3.08
N ALA A 115 34.38 8.76 -3.39
CA ALA A 115 34.50 8.40 -4.78
C ALA A 115 33.15 8.06 -5.40
N ILE A 116 32.13 7.77 -4.58
CA ILE A 116 30.78 7.48 -5.09
C ILE A 116 29.86 8.72 -5.00
N SER A 117 30.45 9.91 -4.81
CA SER A 117 29.69 11.15 -4.80
C SER A 117 28.90 11.31 -6.09
N GLY A 118 27.62 11.67 -5.95
CA GLY A 118 26.73 11.79 -7.07
C GLY A 118 25.93 10.55 -7.36
N GLN A 119 26.36 9.39 -6.86
CA GLN A 119 25.66 8.15 -7.09
C GLN A 119 24.44 8.04 -6.18
N LYS A 120 23.49 7.23 -6.61
CA LYS A 120 22.17 7.15 -6.02
C LYS A 120 21.96 5.74 -5.50
N MET A 121 21.58 5.63 -4.23
CA MET A 121 21.23 4.33 -3.70
C MET A 121 19.88 4.41 -3.00
N ILE A 122 19.07 3.38 -3.20
CA ILE A 122 17.75 3.32 -2.59
C ILE A 122 17.76 2.15 -1.62
N VAL A 123 17.46 2.45 -0.36
CA VAL A 123 17.47 1.43 0.68
C VAL A 123 16.09 1.34 1.29
N GLN A 124 15.76 0.13 1.74
CA GLN A 124 14.66 -0.08 2.66
C GLN A 124 15.22 -0.28 4.06
N VAL A 125 14.63 0.43 5.02
CA VAL A 125 15.06 0.36 6.40
C VAL A 125 14.42 -0.88 7.01
N THR A 126 15.25 -1.77 7.55
CA THR A 126 14.77 -2.97 8.23
C THR A 126 15.18 -3.04 9.70
N ASN A 127 15.93 -2.06 10.19
CA ASN A 127 16.50 -2.18 11.52
C ASN A 127 16.73 -0.79 12.07
N THR A 128 16.77 -0.70 13.39
CA THR A 128 17.12 0.54 14.06
C THR A 128 18.52 0.41 14.63
N GLY A 129 19.37 1.37 14.30
CA GLY A 129 20.74 1.39 14.78
C GLY A 129 20.86 2.02 16.15
N SER A 130 22.03 2.61 16.40
CA SER A 130 22.27 3.27 17.67
C SER A 130 21.73 4.70 17.63
N ASP A 131 21.23 5.19 18.77
CA ASP A 131 20.66 6.54 18.81
C ASP A 131 21.77 7.57 18.88
N LEU A 132 22.39 7.85 17.75
CA LEU A 132 23.23 9.01 17.72
C LEU A 132 22.38 10.19 17.26
N ASN A 133 22.87 11.40 17.50
CA ASN A 133 22.06 12.56 17.15
C ASN A 133 22.14 12.79 15.64
N GLY A 134 20.98 12.90 14.99
CA GLY A 134 20.92 13.33 13.60
C GLY A 134 20.31 12.27 12.70
N ASN A 135 20.86 12.12 11.50
CA ASN A 135 20.41 11.10 10.54
C ASN A 135 21.54 10.15 10.19
N HIS A 136 21.37 8.87 10.55
CA HIS A 136 22.42 7.88 10.43
C HIS A 136 21.84 6.67 9.74
N PHE A 137 22.47 6.23 8.65
CA PHE A 137 22.04 5.03 7.93
C PHE A 137 23.21 4.06 7.93
N ASP A 138 22.99 2.86 8.43
CA ASP A 138 23.99 1.80 8.47
C ASP A 138 23.64 0.85 7.35
N LEU A 139 24.36 0.96 6.24
CA LEU A 139 24.08 0.11 5.09
C LEU A 139 24.45 -1.34 5.39
N MET A 140 23.57 -2.26 5.00
CA MET A 140 23.80 -3.68 5.25
C MET A 140 24.66 -4.24 4.12
N ILE A 141 25.94 -4.46 4.41
CA ILE A 141 26.89 -4.94 3.41
C ILE A 141 27.67 -6.13 3.97
N PRO A 142 27.56 -7.32 3.38
CA PRO A 142 28.31 -8.47 3.89
C PRO A 142 29.81 -8.21 3.86
N GLY A 143 30.44 -8.33 5.01
CA GLY A 143 31.85 -8.10 5.11
C GLY A 143 32.22 -6.72 5.61
N GLY A 144 31.24 -5.82 5.77
CA GLY A 144 31.52 -4.49 6.27
C GLY A 144 31.70 -4.34 7.76
N GLY A 145 31.74 -5.42 8.52
CA GLY A 145 31.88 -5.34 9.97
C GLY A 145 30.60 -5.68 10.73
N VAL A 146 30.75 -6.36 11.86
CA VAL A 146 29.58 -6.74 12.66
C VAL A 146 29.13 -5.63 13.59
N GLY A 147 30.06 -4.87 14.14
CA GLY A 147 29.61 -3.79 15.00
C GLY A 147 29.34 -4.29 16.41
N ILE A 148 28.41 -3.60 17.08
CA ILE A 148 28.06 -3.93 18.45
C ILE A 148 27.66 -5.41 18.58
N PHE A 149 26.86 -5.91 17.65
CA PHE A 149 26.38 -7.28 17.69
C PHE A 149 27.09 -8.15 16.66
N ASN A 150 26.90 -9.48 16.79
CA ASN A 150 27.50 -10.45 15.88
C ASN A 150 26.73 -11.77 15.97
N GLY A 151 25.81 -12.01 15.05
CA GLY A 151 25.30 -13.35 14.96
C GLY A 151 25.91 -14.15 13.81
N CYS A 152 27.02 -13.64 13.27
CA CYS A 152 27.62 -14.27 12.10
C CYS A 152 28.46 -15.48 12.48
N GLN A 153 28.99 -15.53 13.70
CA GLN A 153 29.70 -16.75 14.07
C GLN A 153 28.71 -17.91 14.17
N SER A 154 27.54 -17.68 14.76
CA SER A 154 26.60 -18.76 14.91
C SER A 154 25.91 -19.08 13.60
N GLN A 155 25.78 -18.12 12.68
CA GLN A 155 25.11 -18.46 11.43
C GLN A 155 26.05 -19.08 10.42
N TRP A 156 27.28 -18.58 10.33
CA TRP A 156 28.21 -18.94 9.27
C TRP A 156 29.55 -19.44 9.74
N GLY A 157 29.81 -19.44 11.05
CA GLY A 157 31.13 -19.82 11.53
C GLY A 157 32.21 -18.77 11.32
N ALA A 158 31.83 -17.50 11.19
CA ALA A 158 32.80 -16.41 11.07
C ALA A 158 33.62 -16.28 12.35
N PRO A 159 34.71 -15.53 12.32
CA PRO A 159 35.51 -15.36 13.55
C PRO A 159 34.73 -14.60 14.61
N SER A 160 35.22 -14.66 15.85
CA SER A 160 34.52 -14.05 16.97
C SER A 160 34.31 -12.56 16.77
N ASN A 161 35.17 -11.91 15.99
CA ASN A 161 35.10 -10.48 15.76
C ASN A 161 34.46 -10.16 14.41
N GLY A 162 33.85 -11.16 13.76
CA GLY A 162 33.40 -11.01 12.38
C GLY A 162 34.53 -11.17 11.36
N TRP A 163 34.16 -10.96 10.11
CA TRP A 163 35.12 -11.00 9.03
C TRP A 163 35.89 -9.70 9.06
N GLY A 164 37.20 -9.79 9.23
CA GLY A 164 38.02 -8.61 9.32
C GLY A 164 37.80 -7.89 10.64
N GLN A 165 37.78 -6.57 10.57
CA GLN A 165 37.62 -5.74 11.77
C GLN A 165 36.19 -5.79 12.27
N ARG A 166 36.04 -5.76 13.59
CA ARG A 166 34.69 -5.67 14.11
C ARG A 166 33.98 -4.45 13.57
N TYR A 167 34.72 -3.40 13.26
CA TYR A 167 34.19 -2.15 12.71
C TYR A 167 34.83 -1.83 11.37
N GLY A 168 34.08 -1.97 10.28
CA GLY A 168 34.59 -1.75 8.95
C GLY A 168 34.82 -3.03 8.17
N GLY A 169 35.02 -4.14 8.89
CA GLY A 169 35.09 -5.44 8.23
C GLY A 169 36.40 -5.61 7.47
N ILE A 170 36.27 -6.20 6.28
CA ILE A 170 37.45 -6.60 5.53
C ILE A 170 38.00 -5.39 4.77
N SER A 171 39.22 -5.52 4.28
CA SER A 171 39.90 -4.40 3.64
C SER A 171 40.03 -4.56 2.13
N SER A 172 39.89 -5.77 1.62
CA SER A 172 40.23 -6.04 0.25
C SER A 172 39.17 -6.92 -0.34
N GLN A 173 38.88 -6.70 -1.62
CA GLN A 173 38.00 -7.60 -2.33
C GLN A 173 38.58 -9.01 -2.36
N SER A 174 39.90 -9.16 -2.22
CA SER A 174 40.51 -10.49 -2.12
C SER A 174 39.98 -11.25 -0.92
N GLU A 175 39.72 -10.56 0.19
CA GLU A 175 39.17 -11.23 1.37
C GLU A 175 37.68 -11.53 1.25
N CYS A 176 37.02 -11.13 0.16
CA CYS A 176 35.64 -11.58 -0.02
C CYS A 176 35.52 -13.09 -0.08
N ASN A 177 36.61 -13.81 -0.45
CA ASN A 177 36.61 -15.26 -0.45
C ASN A 177 36.44 -15.86 0.94
N GLN A 178 36.71 -15.07 2.01
CA GLN A 178 36.54 -15.56 3.38
C GLN A 178 35.09 -15.63 3.80
N LEU A 179 34.22 -15.00 3.09
CA LEU A 179 32.82 -14.95 3.40
C LEU A 179 32.09 -16.16 2.82
N PRO A 180 30.93 -16.48 3.35
CA PRO A 180 30.14 -17.55 2.76
C PRO A 180 29.86 -17.22 1.30
N THR A 181 29.77 -18.24 0.47
CA THR A 181 29.51 -18.01 -0.94
C THR A 181 28.22 -17.21 -1.12
N SER A 182 27.19 -17.53 -0.33
CA SER A 182 25.87 -16.90 -0.40
C SER A 182 25.88 -15.39 -0.18
N LEU A 183 26.95 -14.84 0.37
CA LEU A 183 27.04 -13.40 0.63
C LEU A 183 28.06 -12.72 -0.27
N ARG A 184 28.73 -13.48 -1.12
CA ARG A 184 29.86 -12.93 -1.84
C ARG A 184 29.43 -11.87 -2.85
N ALA A 185 28.21 -11.97 -3.38
CA ALA A 185 27.73 -10.89 -4.23
C ALA A 185 27.77 -9.58 -3.46
N GLY A 186 27.12 -9.54 -2.29
CA GLY A 186 27.03 -8.30 -1.55
C GLY A 186 28.39 -7.77 -1.19
N CYS A 187 29.24 -8.66 -0.67
CA CYS A 187 30.62 -8.31 -0.39
C CYS A 187 31.23 -7.61 -1.58
N ASN A 188 31.13 -8.23 -2.76
CA ASN A 188 31.79 -7.66 -3.94
C ASN A 188 31.21 -6.31 -4.32
N TRP A 189 29.88 -6.16 -4.17
CA TRP A 189 29.24 -4.88 -4.43
C TRP A 189 29.94 -3.74 -3.70
N ARG A 190 30.45 -4.01 -2.50
CA ARG A 190 31.09 -2.95 -1.73
C ARG A 190 32.34 -2.41 -2.42
N PHE A 191 33.04 -3.26 -3.17
CA PHE A 191 34.26 -2.84 -3.85
C PHE A 191 34.06 -2.47 -5.30
N GLY A 192 32.89 -2.75 -5.88
CA GLY A 192 32.67 -2.41 -7.26
C GLY A 192 31.84 -1.15 -7.42
N TRP A 193 30.52 -1.28 -7.27
CA TRP A 193 29.65 -0.12 -7.41
C TRP A 193 29.85 0.86 -6.28
N PHE A 194 30.05 0.35 -5.07
CA PHE A 194 30.21 1.14 -3.86
C PHE A 194 31.63 1.67 -3.69
N LYS A 195 32.60 1.11 -4.41
CA LYS A 195 33.97 1.63 -4.52
C LYS A 195 34.71 1.65 -3.19
N ASN A 196 34.30 0.78 -2.26
CA ASN A 196 34.83 0.74 -0.91
C ASN A 196 34.88 2.14 -0.27
N ALA A 197 33.91 2.97 -0.61
CA ALA A 197 33.74 4.27 0.02
C ALA A 197 33.69 4.11 1.52
N ASP A 198 34.33 5.04 2.22
CA ASP A 198 34.43 5.00 3.68
C ASP A 198 33.46 6.02 4.26
N ASN A 199 32.35 5.55 4.82
CA ASN A 199 31.34 6.41 5.43
C ASN A 199 30.95 7.55 4.50
N PRO A 200 30.38 7.26 3.34
CA PRO A 200 29.99 8.37 2.46
C PRO A 200 28.83 9.08 3.11
N SER A 201 28.89 10.41 3.08
CA SER A 201 27.79 11.26 3.45
C SER A 201 26.79 11.36 2.31
N MET A 202 25.57 11.82 2.61
CA MET A 202 24.59 11.88 1.54
C MET A 202 23.51 12.89 1.91
N LYS A 203 22.67 13.19 0.93
CA LYS A 203 21.36 13.77 1.15
C LYS A 203 20.33 12.70 0.75
N PHE A 204 19.16 12.71 1.39
CA PHE A 204 18.20 11.64 1.21
C PHE A 204 16.79 12.19 1.20
N THR A 205 15.90 11.43 0.57
CA THR A 205 14.49 11.74 0.56
C THR A 205 13.70 10.45 0.64
N GLN A 206 12.63 10.49 1.43
CA GLN A 206 11.79 9.32 1.55
C GLN A 206 11.05 9.12 0.24
N VAL A 207 10.92 7.86 -0.17
CA VAL A 207 10.22 7.49 -1.40
C VAL A 207 9.33 6.31 -1.06
N ARG A 208 8.31 6.10 -1.88
CA ARG A 208 7.50 4.90 -1.76
C ARG A 208 8.32 3.69 -2.19
N CYS A 209 8.28 2.63 -1.40
CA CYS A 209 9.23 1.55 -1.55
C CYS A 209 9.07 0.87 -2.90
N PRO A 210 10.12 0.73 -3.70
CA PRO A 210 9.99 0.02 -4.98
C PRO A 210 9.77 -1.46 -4.77
N THR A 211 9.09 -2.09 -5.73
CA THR A 211 8.84 -3.53 -5.63
C THR A 211 10.13 -4.33 -5.73
N ILE A 212 11.20 -3.78 -6.30
CA ILE A 212 12.40 -4.59 -6.36
C ILE A 212 13.02 -4.78 -4.98
N LEU A 213 12.68 -3.92 -4.02
CA LEU A 213 13.07 -4.13 -2.63
C LEU A 213 11.99 -4.88 -1.85
N THR A 214 10.73 -4.43 -1.94
CA THR A 214 9.66 -5.02 -1.15
C THR A 214 9.31 -6.44 -1.58
N GLN A 215 9.62 -6.84 -2.80
CA GLN A 215 9.41 -8.22 -3.14
C GLN A 215 10.45 -9.12 -2.48
N LYS A 216 11.58 -8.55 -2.05
CA LYS A 216 12.56 -9.27 -1.26
C LYS A 216 12.21 -9.27 0.22
N SER A 217 11.91 -8.09 0.78
CA SER A 217 11.73 -8.00 2.23
C SER A 217 10.36 -8.47 2.67
N GLN A 218 9.35 -8.31 1.81
CA GLN A 218 7.95 -8.66 2.02
C GLN A 218 7.26 -7.71 2.99
N CYS A 219 7.89 -6.57 3.31
CA CYS A 219 7.38 -5.62 4.31
C CYS A 219 7.01 -4.33 3.60
N VAL A 220 5.71 -4.08 3.46
CA VAL A 220 5.16 -2.92 2.75
C VAL A 220 4.37 -2.07 3.72
N ARG A 221 4.74 -0.80 3.88
CA ARG A 221 3.97 0.06 4.76
C ARG A 221 2.56 0.21 4.19
N THR A 222 1.56 -0.23 4.97
CA THR A 222 0.26 -0.40 4.35
C THR A 222 -0.78 0.71 4.52
N PRO A 223 -0.67 1.66 5.45
CA PRO A 223 -1.62 2.78 5.38
C PRO A 223 -1.43 3.56 4.12
N GLY A 224 -0.39 3.23 3.35
CA GLY A 224 0.03 3.97 2.19
C GLY A 224 1.33 4.62 2.60
N LEU B 17 -16.13 39.58 -21.07
CA LEU B 17 -16.39 39.07 -19.71
C LEU B 17 -17.12 37.74 -19.76
N THR B 18 -16.45 36.66 -19.42
CA THR B 18 -17.02 35.34 -19.63
C THR B 18 -17.96 34.94 -18.52
N SER B 19 -19.09 34.38 -18.91
CA SER B 19 -20.03 33.83 -17.96
C SER B 19 -20.84 32.73 -18.64
N GLY B 20 -21.36 31.80 -17.84
CA GLY B 20 -22.24 30.78 -18.39
C GLY B 20 -22.49 29.67 -17.41
N SER B 21 -22.88 28.53 -17.94
CA SER B 21 -23.14 27.31 -17.17
C SER B 21 -21.95 26.40 -17.30
N GLY B 22 -21.73 25.59 -16.30
CA GLY B 22 -20.64 24.65 -16.46
C GLY B 22 -20.79 23.54 -15.47
N VAL B 23 -19.95 22.54 -15.66
CA VAL B 23 -19.91 21.43 -14.74
C VAL B 23 -18.49 21.33 -14.19
N THR B 24 -18.34 20.67 -13.06
CA THR B 24 -17.05 20.62 -12.39
C THR B 24 -16.60 19.18 -12.17
N THR B 25 -15.33 19.04 -11.82
CA THR B 25 -14.80 17.78 -11.31
C THR B 25 -13.87 18.13 -10.16
N ARG B 26 -13.25 17.13 -9.58
CA ARG B 26 -12.25 17.34 -8.54
C ARG B 26 -10.98 16.59 -8.91
N TYR B 27 -9.83 17.16 -8.57
CA TYR B 27 -8.59 16.48 -8.90
C TYR B 27 -7.44 17.15 -8.18
N TRP B 28 -6.37 16.37 -7.99
CA TRP B 28 -5.11 16.87 -7.43
C TRP B 28 -4.01 15.89 -7.86
N ASP B 29 -3.35 16.20 -8.95
CA ASP B 29 -2.31 15.36 -9.51
C ASP B 29 -0.90 15.81 -9.15
N CYS B 30 -0.76 16.85 -8.32
CA CYS B 30 0.52 17.37 -7.82
C CYS B 30 1.36 18.05 -8.89
N CYS B 31 0.89 18.12 -10.13
CA CYS B 31 1.76 18.51 -11.24
C CYS B 31 1.95 20.02 -11.28
N LYS B 32 3.00 20.43 -11.98
CA LYS B 32 3.18 21.84 -12.21
C LYS B 32 2.05 22.31 -13.12
N PRO B 33 1.27 23.30 -12.71
CA PRO B 33 0.10 23.67 -13.51
C PRO B 33 0.52 24.43 -14.76
N SER B 34 -0.29 24.29 -15.81
CA SER B 34 0.12 24.75 -17.14
C SER B 34 0.34 26.25 -17.17
N CYS B 35 -0.37 27.01 -16.34
CA CYS B 35 -0.19 28.45 -16.32
C CYS B 35 1.04 28.85 -15.52
N SER B 36 1.80 27.88 -15.02
CA SER B 36 3.04 28.18 -14.30
C SER B 36 4.21 28.41 -15.24
N TRP B 37 4.01 28.37 -16.55
CA TRP B 37 5.03 28.74 -17.52
C TRP B 37 4.85 30.18 -17.96
N GLY B 38 5.96 30.80 -18.37
CA GLY B 38 5.90 32.09 -19.00
C GLY B 38 5.41 31.99 -20.43
N GLY B 39 4.83 33.08 -20.91
CA GLY B 39 4.36 33.16 -22.28
C GLY B 39 3.00 32.56 -22.54
N LYS B 40 2.28 32.14 -21.51
CA LYS B 40 0.94 31.63 -21.77
C LYS B 40 -0.12 32.71 -21.65
N ALA B 41 0.15 33.76 -20.89
CA ALA B 41 -0.78 34.87 -20.85
C ALA B 41 -0.03 36.13 -20.46
N SER B 42 -0.66 37.26 -20.72
CA SER B 42 -0.17 38.54 -20.27
C SER B 42 -0.43 38.67 -18.77
N VAL B 43 0.60 38.46 -17.94
CA VAL B 43 0.45 38.41 -16.48
C VAL B 43 1.68 39.02 -15.81
N THR B 44 1.55 39.32 -14.51
CA THR B 44 2.67 39.86 -13.75
C THR B 44 3.79 38.84 -13.62
N LYS B 45 3.44 37.62 -13.25
CA LYS B 45 4.33 36.50 -13.06
C LYS B 45 3.52 35.27 -13.39
N PRO B 46 4.15 34.19 -13.79
CA PRO B 46 3.39 32.94 -13.91
C PRO B 46 2.94 32.51 -12.53
N VAL B 47 2.06 31.52 -12.51
CA VAL B 47 1.62 30.97 -11.24
C VAL B 47 2.83 30.38 -10.54
N ARG B 48 2.91 30.61 -9.24
CA ARG B 48 4.03 30.12 -8.47
C ARG B 48 4.02 28.58 -8.43
N THR B 49 5.17 27.96 -8.68
CA THR B 49 5.32 26.53 -8.43
C THR B 49 6.39 26.35 -7.38
N CYS B 50 6.43 25.18 -6.79
CA CYS B 50 7.23 24.96 -5.61
C CYS B 50 8.10 23.72 -5.77
N LYS B 51 9.00 23.54 -4.83
CA LYS B 51 9.78 22.32 -4.79
C LYS B 51 8.90 21.20 -4.23
N ALA B 52 9.48 20.00 -4.18
CA ALA B 52 8.71 18.86 -3.71
C ALA B 52 8.04 19.12 -2.37
N ASN B 53 8.64 19.95 -1.51
CA ASN B 53 8.06 20.14 -0.18
C ASN B 53 6.76 20.91 -0.22
N GLY B 54 6.46 21.60 -1.33
CA GLY B 54 5.23 22.34 -1.47
C GLY B 54 5.27 23.74 -0.91
N ASN B 55 6.38 24.17 -0.31
CA ASN B 55 6.54 25.47 0.33
C ASN B 55 7.62 26.34 -0.29
N THR B 56 8.74 25.77 -0.70
CA THR B 56 9.85 26.56 -1.24
C THR B 56 9.66 26.79 -2.74
N THR B 57 9.69 28.05 -3.18
CA THR B 57 9.39 28.35 -4.58
C THR B 57 10.55 27.99 -5.51
N ILE B 58 10.19 27.38 -6.64
CA ILE B 58 11.12 26.90 -7.66
C ILE B 58 11.02 27.79 -8.90
N ASP B 59 12.01 27.68 -9.79
CA ASP B 59 11.99 28.52 -10.98
C ASP B 59 10.85 28.11 -11.91
N SER B 60 10.22 29.11 -12.52
CA SER B 60 9.09 28.86 -13.40
C SER B 60 9.46 28.07 -14.66
N ASN B 61 10.75 27.95 -14.98
CA ASN B 61 11.18 27.17 -16.13
C ASN B 61 11.61 25.76 -15.74
N THR B 62 11.72 25.46 -14.45
CA THR B 62 12.05 24.11 -14.06
C THR B 62 10.95 23.18 -14.56
N GLN B 63 11.36 22.04 -15.12
CA GLN B 63 10.39 21.07 -15.61
C GLN B 63 9.62 20.46 -14.43
N SER B 64 8.42 19.94 -14.73
CA SER B 64 7.52 19.44 -13.72
C SER B 64 7.86 18.03 -13.25
N GLY B 65 7.57 17.76 -11.97
CA GLY B 65 7.71 16.41 -11.46
C GLY B 65 6.87 15.41 -12.23
N CYS B 66 5.75 15.86 -12.81
CA CYS B 66 4.95 15.03 -13.70
C CYS B 66 5.69 14.67 -14.96
N ASN B 67 6.74 15.40 -15.31
CA ASN B 67 7.44 15.13 -16.56
C ASN B 67 8.89 14.71 -16.32
N GLY B 68 9.20 14.23 -15.13
CA GLY B 68 10.54 13.79 -14.82
C GLY B 68 11.43 14.86 -14.24
N GLY B 69 10.91 16.05 -14.00
CA GLY B 69 11.66 17.14 -13.41
C GLY B 69 11.49 17.16 -11.91
N SER B 70 11.49 18.37 -11.35
CA SER B 70 11.49 18.50 -9.89
C SER B 70 10.54 19.57 -9.37
N SER B 71 9.63 20.09 -10.19
CA SER B 71 8.73 21.18 -9.85
C SER B 71 7.30 20.69 -9.62
N TYR B 72 6.66 21.18 -8.55
CA TYR B 72 5.32 20.72 -8.16
C TYR B 72 4.40 21.90 -7.87
N VAL B 73 3.11 21.58 -7.66
CA VAL B 73 2.14 22.57 -7.20
C VAL B 73 2.43 22.92 -5.75
N CYS B 74 2.11 24.15 -5.36
CA CYS B 74 2.38 24.68 -4.03
C CYS B 74 1.27 24.35 -3.04
N ASN B 75 1.66 24.11 -1.79
CA ASN B 75 0.67 23.83 -0.74
C ASN B 75 -0.34 24.95 -0.58
N ASP B 76 0.05 26.21 -0.80
CA ASP B 76 -0.95 27.26 -0.62
C ASP B 76 -1.96 27.32 -1.76
N GLN B 77 -1.89 26.44 -2.76
CA GLN B 77 -2.88 26.44 -3.83
C GLN B 77 -3.98 25.43 -3.56
N GLN B 78 -4.24 25.17 -2.30
CA GLN B 78 -5.34 24.36 -1.80
C GLN B 78 -6.61 25.17 -1.64
N PRO B 79 -7.75 24.50 -1.60
CA PRO B 79 -9.00 25.21 -1.36
C PRO B 79 -9.11 25.63 0.09
N PHE B 80 -9.83 26.72 0.30
CA PHE B 80 -10.04 27.29 1.61
C PHE B 80 -11.35 28.06 1.56
N THR B 81 -11.63 28.80 2.62
CA THR B 81 -12.82 29.64 2.69
C THR B 81 -12.40 30.99 3.23
N GLN B 82 -13.20 32.00 2.90
CA GLN B 82 -13.15 33.27 3.60
C GLN B 82 -14.59 33.64 3.91
N GLY B 83 -14.90 33.79 5.20
CA GLY B 83 -16.30 33.89 5.58
C GLY B 83 -17.04 32.65 5.10
N ASN B 84 -18.18 32.83 4.44
CA ASN B 84 -18.90 31.68 3.93
C ASN B 84 -18.57 31.33 2.50
N VAL B 85 -17.60 31.99 1.88
CA VAL B 85 -17.34 31.79 0.46
C VAL B 85 -16.17 30.84 0.30
N GLY B 86 -16.32 29.90 -0.64
CA GLY B 86 -15.21 29.02 -0.98
C GLY B 86 -14.20 29.70 -1.91
N TYR B 87 -12.96 29.26 -1.80
CA TYR B 87 -11.88 29.83 -2.58
C TYR B 87 -10.92 28.73 -2.99
N GLY B 88 -10.40 28.85 -4.21
CA GLY B 88 -9.47 27.84 -4.64
C GLY B 88 -8.93 28.11 -6.02
N PHE B 89 -8.32 27.08 -6.55
CA PHE B 89 -7.70 27.08 -7.85
C PHE B 89 -8.30 25.94 -8.65
N ALA B 90 -8.18 26.04 -9.98
CA ALA B 90 -8.86 25.11 -10.85
C ALA B 90 -8.14 25.00 -12.19
N ALA B 91 -8.35 23.86 -12.84
CA ALA B 91 -8.17 23.70 -14.27
C ALA B 91 -9.48 24.05 -14.94
N ALA B 92 -9.41 24.63 -16.13
CA ALA B 92 -10.64 25.00 -16.81
C ALA B 92 -10.50 24.72 -18.30
N SER B 93 -11.65 24.55 -18.92
CA SER B 93 -11.81 24.30 -20.36
C SER B 93 -13.08 25.07 -20.69
N ILE B 94 -12.90 26.30 -21.12
CA ILE B 94 -14.01 27.24 -21.28
C ILE B 94 -14.29 27.37 -22.78
N SER B 95 -15.23 26.57 -23.27
CA SER B 95 -15.85 26.79 -24.57
C SER B 95 -14.92 27.38 -25.61
N GLY B 96 -13.92 26.60 -26.06
CA GLY B 96 -13.01 27.07 -27.08
C GLY B 96 -12.35 28.39 -26.73
N GLN B 97 -11.64 28.43 -25.62
CA GLN B 97 -10.95 29.66 -25.29
C GLN B 97 -9.48 29.35 -25.12
N PRO B 98 -8.59 30.20 -25.63
CA PRO B 98 -7.17 29.93 -25.48
C PRO B 98 -6.70 30.34 -24.08
N GLU B 99 -5.51 29.83 -23.74
CA GLU B 99 -4.93 30.05 -22.41
C GLU B 99 -4.68 31.53 -22.15
N SER B 100 -4.37 32.31 -23.21
CA SER B 100 -4.18 33.74 -23.01
C SER B 100 -5.45 34.38 -22.47
N GLN B 101 -6.61 33.72 -22.59
CA GLN B 101 -7.85 34.26 -22.06
C GLN B 101 -8.25 33.70 -20.70
N THR B 102 -7.71 32.55 -20.30
CA THR B 102 -8.10 31.91 -19.06
C THR B 102 -6.99 31.86 -18.03
N CYS B 103 -5.72 31.83 -18.45
CA CYS B 103 -4.63 31.67 -17.50
C CYS B 103 -4.59 32.81 -16.50
N CYS B 104 -4.76 32.43 -15.22
CA CYS B 104 -4.84 33.34 -14.08
C CYS B 104 -6.09 34.19 -14.08
N ALA B 105 -7.09 33.80 -14.86
CA ALA B 105 -8.40 34.44 -14.78
C ALA B 105 -9.18 33.90 -13.58
N CYS B 106 -10.05 34.73 -13.02
CA CYS B 106 -10.90 34.30 -11.92
C CYS B 106 -12.35 34.20 -12.34
N TYR B 107 -13.02 33.22 -11.79
CA TYR B 107 -14.43 33.05 -12.03
C TYR B 107 -15.08 32.81 -10.68
N GLU B 108 -16.20 33.46 -10.47
CA GLU B 108 -17.04 33.20 -9.32
C GLU B 108 -18.21 32.35 -9.80
N MET B 109 -18.40 31.21 -9.14
CA MET B 109 -19.41 30.26 -9.56
C MET B 109 -20.35 29.98 -8.40
N THR B 110 -21.63 29.87 -8.73
CA THR B 110 -22.69 29.42 -7.84
C THR B 110 -23.07 27.99 -8.24
N PHE B 111 -22.92 27.06 -7.32
CA PHE B 111 -23.31 25.69 -7.60
C PHE B 111 -24.81 25.60 -7.73
N THR B 112 -25.28 24.80 -8.68
CA THR B 112 -26.69 24.79 -8.98
C THR B 112 -27.40 23.48 -8.61
N ASN B 113 -26.69 22.45 -8.13
CA ASN B 113 -27.38 21.17 -8.07
C ASN B 113 -27.00 20.17 -7.00
N THR B 114 -26.07 20.42 -6.09
CA THR B 114 -25.93 19.31 -5.15
C THR B 114 -26.34 19.71 -3.73
N ALA B 115 -25.84 19.02 -2.72
CA ALA B 115 -26.10 19.51 -1.37
C ALA B 115 -25.51 20.90 -1.15
N ILE B 116 -24.55 21.32 -1.99
CA ILE B 116 -23.95 22.67 -1.90
C ILE B 116 -24.56 23.63 -2.93
N SER B 117 -25.71 23.27 -3.50
CA SER B 117 -26.42 24.15 -4.41
C SER B 117 -26.72 25.50 -3.74
N GLY B 118 -26.42 26.60 -4.44
CA GLY B 118 -26.57 27.93 -3.89
C GLY B 118 -25.31 28.52 -3.29
N GLN B 119 -24.33 27.69 -2.96
CA GLN B 119 -23.08 28.16 -2.39
C GLN B 119 -22.18 28.75 -3.47
N LYS B 120 -21.26 29.60 -3.03
CA LYS B 120 -20.44 30.43 -3.89
C LYS B 120 -18.96 30.11 -3.70
N MET B 121 -18.28 29.85 -4.81
CA MET B 121 -16.84 29.63 -4.77
C MET B 121 -16.15 30.48 -5.84
N ILE B 122 -15.01 31.05 -5.49
CA ILE B 122 -14.24 31.88 -6.41
C ILE B 122 -12.93 31.19 -6.66
N VAL B 123 -12.66 30.89 -7.93
CA VAL B 123 -11.44 30.19 -8.30
C VAL B 123 -10.62 31.07 -9.22
N GLN B 124 -9.30 30.92 -9.13
CA GLN B 124 -8.41 31.38 -10.18
C GLN B 124 -8.00 30.14 -10.95
N VAL B 125 -8.07 30.22 -12.28
CA VAL B 125 -7.72 29.09 -13.14
C VAL B 125 -6.21 29.08 -13.30
N THR B 126 -5.59 27.96 -12.93
CA THR B 126 -4.14 27.85 -13.06
C THR B 126 -3.70 26.80 -14.06
N ASN B 127 -4.64 26.10 -14.69
CA ASN B 127 -4.30 24.95 -15.53
C ASN B 127 -5.38 24.79 -16.58
N THR B 128 -5.01 24.14 -17.68
CA THR B 128 -5.98 23.83 -18.72
C THR B 128 -6.31 22.36 -18.64
N GLY B 129 -7.62 22.04 -18.57
CA GLY B 129 -8.06 20.66 -18.45
C GLY B 129 -8.09 19.96 -19.79
N SER B 130 -9.01 19.01 -19.92
CA SER B 130 -9.17 18.25 -21.15
C SER B 130 -10.29 18.90 -21.94
N ASP B 131 -10.21 18.80 -23.27
CA ASP B 131 -10.99 19.73 -24.08
C ASP B 131 -12.48 19.41 -24.06
N LEU B 132 -12.86 18.14 -24.23
CA LEU B 132 -14.26 17.72 -24.02
C LEU B 132 -15.15 18.66 -24.85
N ASN B 133 -16.20 19.26 -24.29
CA ASN B 133 -17.05 20.20 -25.03
C ASN B 133 -17.84 21.03 -24.02
N GLY B 134 -17.67 22.36 -24.03
CA GLY B 134 -18.49 23.27 -23.24
C GLY B 134 -17.66 24.04 -22.23
N ASN B 135 -18.18 24.17 -21.00
CA ASN B 135 -17.44 24.80 -19.91
C ASN B 135 -17.22 23.83 -18.76
N HIS B 136 -15.95 23.52 -18.50
CA HIS B 136 -15.59 22.49 -17.54
C HIS B 136 -14.58 23.08 -16.57
N PHE B 137 -14.85 22.94 -15.28
CA PHE B 137 -13.94 23.41 -14.25
C PHE B 137 -13.58 22.21 -13.37
N ASP B 138 -12.29 21.91 -13.29
CA ASP B 138 -11.75 20.82 -12.47
C ASP B 138 -11.12 21.47 -11.25
N LEU B 139 -11.81 21.43 -10.12
CA LEU B 139 -11.34 22.06 -8.89
C LEU B 139 -10.15 21.31 -8.32
N MET B 140 -9.17 22.05 -7.84
CA MET B 140 -7.98 21.43 -7.24
C MET B 140 -8.29 21.12 -5.79
N ILE B 141 -8.59 19.85 -5.49
CA ILE B 141 -8.90 19.40 -4.15
C ILE B 141 -8.02 18.20 -3.80
N PRO B 142 -7.14 18.31 -2.81
CA PRO B 142 -6.31 17.17 -2.43
C PRO B 142 -7.17 15.99 -1.99
N GLY B 143 -6.94 14.85 -2.64
CA GLY B 143 -7.66 13.63 -2.37
C GLY B 143 -8.76 13.34 -3.35
N GLY B 144 -9.11 14.28 -4.23
CA GLY B 144 -10.16 14.15 -5.21
C GLY B 144 -9.82 13.39 -6.49
N GLY B 145 -8.71 12.69 -6.55
CA GLY B 145 -8.29 11.93 -7.73
C GLY B 145 -7.13 12.56 -8.47
N VAL B 146 -6.25 11.71 -9.00
CA VAL B 146 -5.13 12.24 -9.77
C VAL B 146 -5.51 12.42 -11.23
N GLY B 147 -6.31 11.51 -11.77
CA GLY B 147 -6.74 11.66 -13.14
C GLY B 147 -5.73 11.11 -14.13
N ILE B 148 -5.67 11.74 -15.29
CA ILE B 148 -4.72 11.38 -16.33
C ILE B 148 -3.28 11.45 -15.82
N PHE B 149 -2.92 12.56 -15.19
CA PHE B 149 -1.56 12.70 -14.70
C PHE B 149 -1.48 12.43 -13.20
N ASN B 150 -0.24 12.31 -12.73
CA ASN B 150 0.06 11.95 -11.36
C ASN B 150 1.52 12.23 -11.01
N GLY B 151 1.80 13.38 -10.41
CA GLY B 151 3.12 13.57 -9.84
C GLY B 151 3.12 13.40 -8.33
N CYS B 152 2.06 12.81 -7.79
CA CYS B 152 1.94 12.70 -6.34
C CYS B 152 2.78 11.56 -5.78
N GLN B 153 3.04 10.53 -6.60
CA GLN B 153 3.95 9.48 -6.14
C GLN B 153 5.36 10.03 -6.04
N SER B 154 5.74 10.89 -6.97
CA SER B 154 7.05 11.51 -6.91
C SER B 154 7.11 12.61 -5.88
N GLN B 155 6.00 13.28 -5.60
CA GLN B 155 6.16 14.37 -4.67
C GLN B 155 6.01 13.90 -3.22
N TRP B 156 5.08 12.98 -2.96
CA TRP B 156 4.70 12.60 -1.62
C TRP B 156 4.82 11.12 -1.36
N GLY B 157 5.19 10.32 -2.36
CA GLY B 157 5.20 8.88 -2.14
C GLY B 157 3.82 8.27 -2.11
N ALA B 158 2.84 8.91 -2.73
CA ALA B 158 1.50 8.39 -2.81
C ALA B 158 1.50 7.11 -3.64
N PRO B 159 0.42 6.32 -3.56
CA PRO B 159 0.35 5.11 -4.38
C PRO B 159 0.26 5.46 -5.85
N SER B 160 0.52 4.47 -6.70
CA SER B 160 0.58 4.70 -8.15
C SER B 160 -0.69 5.30 -8.72
N ASN B 161 -1.83 5.09 -8.07
CA ASN B 161 -3.11 5.56 -8.56
C ASN B 161 -3.56 6.83 -7.83
N GLY B 162 -2.68 7.48 -7.11
CA GLY B 162 -3.14 8.49 -6.19
C GLY B 162 -3.64 7.89 -4.89
N TRP B 163 -4.20 8.74 -4.05
CA TRP B 163 -4.63 8.30 -2.74
C TRP B 163 -5.87 7.40 -2.79
N GLY B 164 -6.90 7.80 -3.51
CA GLY B 164 -8.05 6.89 -3.57
C GLY B 164 -8.17 6.23 -4.91
N GLN B 165 -9.37 6.27 -5.49
CA GLN B 165 -9.54 5.91 -6.87
C GLN B 165 -8.85 6.97 -7.72
N ARG B 166 -8.36 6.55 -8.87
CA ARG B 166 -7.69 7.50 -9.74
C ARG B 166 -8.62 8.63 -10.13
N TYR B 167 -9.91 8.34 -10.21
CA TYR B 167 -10.92 9.33 -10.56
C TYR B 167 -11.88 9.45 -9.39
N GLY B 168 -11.82 10.58 -8.69
CA GLY B 168 -12.62 10.81 -7.51
C GLY B 168 -11.84 10.72 -6.20
N GLY B 169 -10.75 9.95 -6.19
CA GLY B 169 -9.90 9.92 -5.02
C GLY B 169 -10.53 9.17 -3.86
N ILE B 170 -10.34 9.71 -2.65
CA ILE B 170 -10.70 9.01 -1.43
C ILE B 170 -12.20 9.18 -1.21
N SER B 171 -12.75 8.38 -0.30
CA SER B 171 -14.19 8.35 -0.16
C SER B 171 -14.70 8.94 1.15
N SER B 172 -13.83 9.11 2.14
CA SER B 172 -14.24 9.44 3.50
C SER B 172 -13.29 10.46 4.07
N GLN B 173 -13.81 11.32 4.95
CA GLN B 173 -12.92 12.22 5.67
C GLN B 173 -11.90 11.45 6.51
N SER B 174 -12.23 10.22 6.94
CA SER B 174 -11.26 9.43 7.68
C SER B 174 -10.00 9.17 6.86
N GLU B 175 -10.15 8.96 5.57
CA GLU B 175 -8.96 8.68 4.78
C GLU B 175 -8.11 9.92 4.53
N CYS B 176 -8.54 11.09 5.02
CA CYS B 176 -7.63 12.21 4.96
C CYS B 176 -6.35 11.90 5.74
N ASN B 177 -6.41 10.91 6.67
CA ASN B 177 -5.19 10.52 7.38
C ASN B 177 -4.12 9.96 6.45
N GLN B 178 -4.52 9.45 5.27
CA GLN B 178 -3.58 8.90 4.30
C GLN B 178 -2.80 9.97 3.54
N LEU B 179 -3.27 11.17 3.53
CA LEU B 179 -2.59 12.20 2.76
C LEU B 179 -1.51 12.88 3.58
N PRO B 180 -0.51 13.45 2.92
CA PRO B 180 0.51 14.20 3.66
C PRO B 180 -0.13 15.31 4.48
N THR B 181 0.52 15.62 5.61
CA THR B 181 -0.01 16.61 6.54
C THR B 181 -0.29 17.94 5.85
N SER B 182 0.61 18.35 4.97
CA SER B 182 0.58 19.63 4.28
C SER B 182 -0.66 19.83 3.42
N LEU B 183 -1.38 18.76 3.09
CA LEU B 183 -2.56 18.85 2.24
C LEU B 183 -3.85 18.54 2.99
N ARG B 184 -3.76 18.19 4.29
CA ARG B 184 -4.94 17.70 4.98
C ARG B 184 -6.02 18.76 5.05
N ALA B 185 -5.64 20.02 5.22
CA ALA B 185 -6.63 21.09 5.22
C ALA B 185 -7.49 21.01 3.97
N GLY B 186 -6.83 21.01 2.81
CA GLY B 186 -7.59 20.96 1.57
C GLY B 186 -8.45 19.72 1.52
N CYS B 187 -7.86 18.58 1.89
CA CYS B 187 -8.59 17.33 1.99
C CYS B 187 -9.86 17.52 2.81
N ASN B 188 -9.71 18.08 4.00
CA ASN B 188 -10.85 18.24 4.90
C ASN B 188 -11.87 19.21 4.32
N TRP B 189 -11.38 20.26 3.65
CA TRP B 189 -12.29 21.20 3.01
C TRP B 189 -13.32 20.49 2.15
N ARG B 190 -12.91 19.39 1.49
CA ARG B 190 -13.83 18.75 0.57
C ARG B 190 -14.99 18.08 1.29
N PHE B 191 -14.80 17.67 2.55
CA PHE B 191 -15.84 17.02 3.29
C PHE B 191 -16.62 17.95 4.19
N GLY B 192 -16.16 19.18 4.37
CA GLY B 192 -16.88 20.10 5.22
C GLY B 192 -17.64 21.16 4.46
N TRP B 193 -16.93 22.17 3.98
CA TRP B 193 -17.60 23.25 3.25
C TRP B 193 -18.16 22.75 1.92
N PHE B 194 -17.43 21.86 1.25
CA PHE B 194 -17.80 21.30 -0.03
C PHE B 194 -18.77 20.14 0.09
N LYS B 195 -18.89 19.55 1.28
CA LYS B 195 -19.90 18.54 1.61
C LYS B 195 -19.77 17.27 0.78
N ASN B 196 -18.55 16.99 0.32
CA ASN B 196 -18.25 15.89 -0.60
C ASN B 196 -19.23 15.82 -1.77
N ALA B 197 -19.68 16.98 -2.23
CA ALA B 197 -20.49 17.06 -3.42
C ALA B 197 -19.78 16.39 -4.58
N ASP B 198 -20.53 15.65 -5.37
CA ASP B 198 -19.99 14.90 -6.49
C ASP B 198 -20.24 15.61 -7.82
N ASN B 199 -19.19 16.23 -8.36
CA ASN B 199 -19.25 16.95 -9.63
C ASN B 199 -20.43 17.90 -9.73
N PRO B 200 -20.52 18.88 -8.84
CA PRO B 200 -21.66 19.80 -8.89
C PRO B 200 -21.62 20.67 -10.13
N SER B 201 -22.79 20.88 -10.72
CA SER B 201 -22.90 21.90 -11.74
C SER B 201 -22.91 23.29 -11.11
N MET B 202 -22.73 24.29 -11.95
CA MET B 202 -22.67 25.66 -11.48
C MET B 202 -23.04 26.55 -12.66
N LYS B 203 -23.34 27.80 -12.34
CA LYS B 203 -23.25 28.90 -13.27
C LYS B 203 -22.14 29.81 -12.76
N PHE B 204 -21.32 30.34 -13.69
CA PHE B 204 -20.13 31.10 -13.35
C PHE B 204 -20.13 32.44 -14.06
N THR B 205 -19.35 33.37 -13.52
CA THR B 205 -19.09 34.68 -14.11
C THR B 205 -17.66 35.08 -13.85
N GLN B 206 -16.98 35.61 -14.86
CA GLN B 206 -15.59 36.00 -14.67
C GLN B 206 -15.54 37.24 -13.79
N VAL B 207 -14.59 37.27 -12.86
CA VAL B 207 -14.42 38.40 -11.96
C VAL B 207 -12.96 38.78 -12.00
N ARG B 208 -12.70 40.00 -11.56
CA ARG B 208 -11.32 40.41 -11.32
C ARG B 208 -10.81 39.63 -10.10
N CYS B 209 -9.59 39.11 -10.23
CA CYS B 209 -9.10 38.15 -9.26
C CYS B 209 -8.93 38.79 -7.89
N PRO B 210 -9.46 38.20 -6.82
CA PRO B 210 -9.23 38.79 -5.49
C PRO B 210 -7.78 38.64 -5.05
N THR B 211 -7.36 39.57 -4.21
CA THR B 211 -6.00 39.53 -3.68
C THR B 211 -5.77 38.31 -2.81
N ILE B 212 -6.84 37.77 -2.21
CA ILE B 212 -6.63 36.60 -1.36
C ILE B 212 -6.30 35.38 -2.17
N LEU B 213 -6.60 35.38 -3.46
CA LEU B 213 -6.13 34.33 -4.36
C LEU B 213 -4.80 34.69 -5.01
N THR B 214 -4.71 35.88 -5.60
CA THR B 214 -3.49 36.23 -6.32
C THR B 214 -2.29 36.49 -5.40
N GLN B 215 -2.50 36.70 -4.11
CA GLN B 215 -1.31 36.81 -3.25
C GLN B 215 -0.70 35.44 -3.01
N LYS B 216 -1.51 34.38 -3.13
CA LYS B 216 -1.03 33.02 -3.11
C LYS B 216 -0.38 32.66 -4.43
N SER B 217 -1.07 32.88 -5.54
CA SER B 217 -0.54 32.38 -6.81
C SER B 217 0.49 33.33 -7.42
N GLN B 218 0.37 34.62 -7.15
CA GLN B 218 1.25 35.67 -7.66
C GLN B 218 1.02 35.99 -9.13
N CYS B 219 -0.06 35.51 -9.71
CA CYS B 219 -0.29 35.67 -11.14
C CYS B 219 -1.49 36.58 -11.38
N VAL B 220 -1.21 37.83 -11.78
CA VAL B 220 -2.25 38.82 -12.00
C VAL B 220 -2.27 39.22 -13.47
N ARG B 221 -3.41 39.03 -14.12
CA ARG B 221 -3.56 39.45 -15.51
C ARG B 221 -3.40 40.96 -15.57
N THR B 222 -2.44 41.43 -16.37
CA THR B 222 -2.10 42.83 -16.23
C THR B 222 -2.76 43.84 -17.16
N PRO B 223 -3.28 43.50 -18.34
CA PRO B 223 -4.11 44.50 -19.00
C PRO B 223 -5.42 44.69 -18.27
N GLY B 224 -5.80 43.75 -17.40
CA GLY B 224 -7.10 43.75 -16.77
C GLY B 224 -7.89 42.47 -17.06
N LEU C 17 1.08 -11.31 16.87
CA LEU C 17 1.42 -11.83 15.54
C LEU C 17 1.14 -13.31 15.49
N THR C 18 0.10 -13.69 14.74
CA THR C 18 -0.25 -15.09 14.61
C THR C 18 0.68 -15.72 13.57
N SER C 19 1.22 -16.88 13.90
CA SER C 19 2.06 -17.68 13.01
C SER C 19 2.02 -19.11 13.49
N GLY C 20 2.23 -20.06 12.59
CA GLY C 20 2.43 -21.42 13.06
C GLY C 20 2.25 -22.45 11.97
N SER C 21 2.12 -23.69 12.40
CA SER C 21 1.88 -24.81 11.52
C SER C 21 0.40 -25.18 11.55
N GLY C 22 -0.10 -25.71 10.45
CA GLY C 22 -1.49 -26.14 10.53
C GLY C 22 -1.80 -27.10 9.43
N VAL C 23 -3.00 -27.66 9.49
CA VAL C 23 -3.52 -28.47 8.39
C VAL C 23 -4.81 -27.80 7.93
N THR C 24 -5.24 -28.15 6.71
CA THR C 24 -6.42 -27.56 6.07
C THR C 24 -7.43 -28.65 5.78
N THR C 25 -8.63 -28.19 5.41
CA THR C 25 -9.64 -29.03 4.81
C THR C 25 -10.27 -28.21 3.69
N ARG C 26 -11.24 -28.80 3.00
CA ARG C 26 -12.05 -28.12 2.00
C ARG C 26 -13.51 -28.30 2.35
N TYR C 27 -14.31 -27.27 2.12
CA TYR C 27 -15.73 -27.41 2.45
C TYR C 27 -16.51 -26.29 1.79
N TRP C 28 -17.81 -26.54 1.61
CA TRP C 28 -18.71 -25.51 1.10
C TRP C 28 -20.12 -25.86 1.55
N ASP C 29 -20.55 -25.28 2.67
CA ASP C 29 -21.88 -25.56 3.21
C ASP C 29 -22.96 -24.58 2.76
N CYS C 30 -22.61 -23.58 1.96
CA CYS C 30 -23.50 -22.54 1.45
C CYS C 30 -23.95 -21.56 2.53
N CYS C 31 -23.49 -21.73 3.77
CA CYS C 31 -24.00 -21.01 4.92
C CYS C 31 -23.34 -19.65 5.13
N LYS C 32 -24.07 -18.80 5.79
CA LYS C 32 -23.49 -17.51 6.13
C LYS C 32 -22.50 -17.66 7.28
N PRO C 33 -21.27 -17.20 7.12
CA PRO C 33 -20.21 -17.49 8.06
C PRO C 33 -20.37 -16.77 9.40
N SER C 34 -19.73 -17.33 10.42
CA SER C 34 -19.89 -16.82 11.78
C SER C 34 -19.39 -15.38 11.93
N CYS C 35 -18.39 -14.96 11.14
CA CYS C 35 -17.92 -13.58 11.20
C CYS C 35 -18.82 -12.63 10.42
N SER C 36 -19.91 -13.11 9.85
CA SER C 36 -20.86 -12.28 9.11
C SER C 36 -21.87 -11.60 10.01
N TRP C 37 -21.79 -11.81 11.32
CA TRP C 37 -22.62 -11.04 12.23
C TRP C 37 -21.84 -9.81 12.69
N GLY C 38 -22.58 -8.78 13.07
CA GLY C 38 -21.96 -7.65 13.74
C GLY C 38 -21.62 -7.99 15.17
N GLY C 39 -20.61 -7.31 15.71
CA GLY C 39 -20.23 -7.52 17.10
C GLY C 39 -19.39 -8.76 17.36
N LYS C 40 -18.90 -9.44 16.32
CA LYS C 40 -18.06 -10.63 16.47
C LYS C 40 -16.58 -10.30 16.47
N ALA C 41 -16.20 -9.16 15.93
CA ALA C 41 -14.87 -8.64 16.09
C ALA C 41 -15.01 -7.16 15.82
N SER C 42 -14.02 -6.42 16.24
CA SER C 42 -14.02 -5.00 15.96
C SER C 42 -13.60 -4.82 14.49
N VAL C 43 -14.55 -4.44 13.60
CA VAL C 43 -14.31 -4.30 12.16
C VAL C 43 -15.08 -3.11 11.58
N THR C 44 -14.70 -2.71 10.36
CA THR C 44 -15.40 -1.64 9.66
C THR C 44 -16.86 -2.05 9.36
N LYS C 45 -17.03 -3.25 8.83
CA LYS C 45 -18.32 -3.87 8.54
C LYS C 45 -18.14 -5.36 8.73
N PRO C 46 -19.19 -6.09 9.07
CA PRO C 46 -19.09 -7.55 9.12
C PRO C 46 -18.85 -8.10 7.72
N VAL C 47 -18.51 -9.38 7.63
CA VAL C 47 -18.38 -10.01 6.32
C VAL C 47 -19.74 -10.04 5.62
N ARG C 48 -19.75 -9.65 4.35
CA ARG C 48 -21.00 -9.52 3.61
C ARG C 48 -21.69 -10.87 3.38
N THR C 49 -22.97 -10.94 3.71
CA THR C 49 -23.77 -12.11 3.39
C THR C 49 -24.83 -11.75 2.37
N CYS C 50 -25.35 -12.79 1.72
CA CYS C 50 -26.15 -12.57 0.54
C CYS C 50 -27.47 -13.34 0.66
N LYS C 51 -28.37 -13.03 -0.26
CA LYS C 51 -29.62 -13.76 -0.42
C LYS C 51 -29.36 -15.05 -1.20
N ALA C 52 -30.42 -15.84 -1.38
CA ALA C 52 -30.33 -17.12 -2.08
C ALA C 52 -29.58 -17.02 -3.41
N ASN C 53 -29.53 -15.83 -4.01
CA ASN C 53 -28.87 -15.69 -5.29
C ASN C 53 -27.35 -15.74 -5.19
N GLY C 54 -26.78 -15.40 -4.03
CA GLY C 54 -25.35 -15.34 -3.89
C GLY C 54 -24.74 -14.03 -4.35
N ASN C 55 -25.56 -13.12 -4.89
CA ASN C 55 -25.14 -11.85 -5.46
C ASN C 55 -25.69 -10.66 -4.71
N THR C 56 -26.96 -10.73 -4.32
CA THR C 56 -27.67 -9.62 -3.70
C THR C 56 -27.43 -9.61 -2.20
N THR C 57 -27.04 -8.45 -1.68
CA THR C 57 -26.69 -8.33 -0.26
C THR C 57 -27.92 -8.44 0.63
N ILE C 58 -27.77 -9.15 1.72
CA ILE C 58 -28.80 -9.26 2.75
C ILE C 58 -28.29 -8.49 3.98
N ASP C 59 -29.21 -8.18 4.89
CA ASP C 59 -28.81 -7.48 6.09
C ASP C 59 -27.98 -8.40 6.97
N SER C 60 -26.97 -7.83 7.62
CA SER C 60 -26.01 -8.59 8.39
C SER C 60 -26.63 -9.34 9.58
N ASN C 61 -27.88 -9.08 9.92
CA ASN C 61 -28.55 -9.77 11.03
C ASN C 61 -29.51 -10.89 10.63
N THR C 62 -29.86 -11.06 9.35
CA THR C 62 -30.76 -12.16 8.99
C THR C 62 -30.11 -13.52 9.25
N GLN C 63 -30.89 -14.42 9.86
CA GLN C 63 -30.42 -15.74 10.20
C GLN C 63 -30.07 -16.54 8.94
N SER C 64 -29.07 -17.40 9.08
CA SER C 64 -28.53 -18.15 7.96
C SER C 64 -29.48 -19.29 7.55
N GLY C 65 -29.43 -19.63 6.25
CA GLY C 65 -30.15 -20.80 5.76
C GLY C 65 -29.76 -22.08 6.48
N CYS C 66 -28.53 -22.14 7.03
CA CYS C 66 -28.14 -23.22 7.91
C CYS C 66 -29.09 -23.37 9.10
N ASN C 67 -29.82 -22.30 9.47
CA ASN C 67 -30.69 -22.31 10.63
C ASN C 67 -32.12 -21.93 10.29
N GLY C 68 -32.54 -22.04 9.03
CA GLY C 68 -33.91 -21.72 8.70
C GLY C 68 -34.20 -20.30 8.25
N GLY C 69 -33.19 -19.46 8.02
CA GLY C 69 -33.38 -18.10 7.50
C GLY C 69 -33.24 -18.03 5.99
N SER C 70 -32.76 -16.87 5.49
CA SER C 70 -32.65 -16.68 4.05
C SER C 70 -31.30 -16.10 3.65
N SER C 71 -30.32 -16.14 4.55
CA SER C 71 -29.00 -15.58 4.30
C SER C 71 -28.00 -16.71 4.06
N TYR C 72 -27.16 -16.51 3.04
CA TYR C 72 -26.18 -17.49 2.60
C TYR C 72 -24.84 -16.76 2.38
N VAL C 73 -23.79 -17.55 2.13
CA VAL C 73 -22.50 -16.96 1.77
C VAL C 73 -22.57 -16.43 0.35
N CYS C 74 -21.79 -15.39 0.08
CA CYS C 74 -21.83 -14.70 -1.21
C CYS C 74 -20.97 -15.41 -2.25
N ASN C 75 -21.43 -15.35 -3.51
CA ASN C 75 -20.74 -16.02 -4.61
C ASN C 75 -19.30 -15.55 -4.79
N ASP C 76 -19.03 -14.25 -4.57
CA ASP C 76 -17.66 -13.80 -4.79
C ASP C 76 -16.69 -14.23 -3.68
N GLN C 77 -17.15 -14.99 -2.68
CA GLN C 77 -16.26 -15.51 -1.64
C GLN C 77 -15.71 -16.89 -1.97
N GLN C 78 -15.49 -17.16 -3.24
CA GLN C 78 -14.88 -18.32 -3.86
C GLN C 78 -13.38 -18.14 -3.94
N PRO C 79 -12.60 -19.22 -4.05
CA PRO C 79 -11.15 -19.08 -4.25
C PRO C 79 -10.84 -18.61 -5.66
N PHE C 80 -9.69 -17.95 -5.79
CA PHE C 80 -9.26 -17.43 -7.06
C PHE C 80 -7.74 -17.36 -7.08
N THR C 81 -7.19 -16.74 -8.12
CA THR C 81 -5.75 -16.54 -8.22
C THR C 81 -5.45 -15.11 -8.65
N GLN C 82 -4.28 -14.64 -8.18
CA GLN C 82 -3.65 -13.40 -8.64
C GLN C 82 -2.20 -13.72 -8.92
N GLY C 83 -1.75 -13.47 -10.16
CA GLY C 83 -0.43 -13.94 -10.52
C GLY C 83 -0.35 -15.42 -10.25
N ASN C 84 0.69 -15.84 -9.54
CA ASN C 84 0.81 -17.24 -9.18
C ASN C 84 0.30 -17.57 -7.75
N VAL C 85 -0.32 -16.61 -7.05
CA VAL C 85 -0.73 -16.76 -5.65
C VAL C 85 -2.22 -17.09 -5.57
N GLY C 86 -2.56 -18.07 -4.75
CA GLY C 86 -3.97 -18.36 -4.47
C GLY C 86 -4.57 -17.43 -3.44
N TYR C 87 -5.88 -17.25 -3.55
CA TYR C 87 -6.60 -16.36 -2.64
C TYR C 87 -7.96 -16.97 -2.35
N GLY C 88 -8.43 -16.78 -1.13
CA GLY C 88 -9.76 -17.27 -0.83
C GLY C 88 -10.18 -16.90 0.56
N PHE C 89 -11.26 -17.53 0.98
CA PHE C 89 -11.79 -17.31 2.31
C PHE C 89 -11.85 -18.65 3.00
N ALA C 90 -11.81 -18.60 4.33
CA ALA C 90 -11.69 -19.86 5.05
C ALA C 90 -12.35 -19.70 6.40
N ALA C 91 -12.77 -20.83 6.93
CA ALA C 91 -13.08 -20.96 8.34
C ALA C 91 -11.78 -21.29 9.04
N ALA C 92 -11.59 -20.78 10.25
CA ALA C 92 -10.33 -21.06 10.92
C ALA C 92 -10.54 -21.30 12.41
N SER C 93 -9.61 -22.07 12.98
CA SER C 93 -9.58 -22.48 14.40
C SER C 93 -8.12 -22.44 14.84
N ILE C 94 -7.71 -21.31 15.42
CA ILE C 94 -6.30 -21.10 15.72
C ILE C 94 -6.05 -21.25 17.22
N SER C 95 -5.68 -22.47 17.64
CA SER C 95 -5.10 -22.79 18.96
C SER C 95 -5.63 -21.90 20.08
N GLY C 96 -6.91 -22.01 20.37
CA GLY C 96 -7.49 -21.16 21.40
C GLY C 96 -7.30 -19.67 21.11
N GLN C 97 -7.86 -19.21 19.99
CA GLN C 97 -7.89 -17.80 19.68
C GLN C 97 -9.33 -17.37 19.45
N PRO C 98 -9.75 -16.25 20.02
CA PRO C 98 -11.16 -15.85 19.92
C PRO C 98 -11.42 -15.20 18.58
N GLU C 99 -12.71 -15.14 18.23
CA GLU C 99 -13.07 -14.53 16.96
C GLU C 99 -12.68 -13.05 16.93
N SER C 100 -12.62 -12.39 18.10
CA SER C 100 -12.25 -10.97 18.12
C SER C 100 -10.84 -10.72 17.56
N GLN C 101 -9.93 -11.70 17.63
CA GLN C 101 -8.61 -11.55 17.02
C GLN C 101 -8.46 -12.28 15.68
N THR C 102 -9.44 -13.11 15.30
CA THR C 102 -9.36 -13.91 14.08
C THR C 102 -10.33 -13.45 12.98
N CYS C 103 -11.50 -12.90 13.35
CA CYS C 103 -12.53 -12.55 12.37
C CYS C 103 -12.07 -11.46 11.43
N CYS C 104 -12.08 -11.77 10.13
CA CYS C 104 -11.66 -10.88 9.05
C CYS C 104 -10.17 -10.58 9.12
N ALA C 105 -9.44 -11.39 9.87
CA ALA C 105 -8.00 -11.38 9.80
C ALA C 105 -7.57 -12.20 8.58
N CYS C 106 -6.47 -11.81 7.97
CA CYS C 106 -5.97 -12.50 6.80
C CYS C 106 -4.71 -13.26 7.14
N TYR C 107 -4.54 -14.41 6.51
CA TYR C 107 -3.37 -15.26 6.71
C TYR C 107 -2.79 -15.69 5.38
N GLU C 108 -1.46 -15.60 5.26
CA GLU C 108 -0.74 -16.15 4.11
C GLU C 108 -0.09 -17.47 4.51
N MET C 109 -0.35 -18.52 3.72
CA MET C 109 0.13 -19.86 4.04
C MET C 109 0.93 -20.43 2.87
N THR C 110 2.01 -21.11 3.23
CA THR C 110 2.80 -21.90 2.28
C THR C 110 2.52 -23.37 2.56
N PHE C 111 1.90 -24.04 1.59
CA PHE C 111 1.60 -25.46 1.74
C PHE C 111 2.88 -26.28 1.82
N THR C 112 2.87 -27.28 2.69
CA THR C 112 4.11 -27.97 3.03
C THR C 112 4.18 -29.42 2.62
N ASN C 113 3.10 -30.04 2.11
CA ASN C 113 3.19 -31.49 1.95
C ASN C 113 2.38 -32.11 0.82
N THR C 114 1.72 -31.34 -0.06
CA THR C 114 1.10 -32.05 -1.17
C THR C 114 1.69 -31.62 -2.50
N ALA C 115 0.95 -31.81 -3.60
CA ALA C 115 1.42 -31.30 -4.89
C ALA C 115 1.50 -29.79 -4.89
N ILE C 116 0.77 -29.14 -3.99
CA ILE C 116 0.78 -27.68 -3.92
C ILE C 116 1.78 -27.23 -2.86
N SER C 117 2.66 -28.15 -2.44
CA SER C 117 3.74 -27.83 -1.51
C SER C 117 4.61 -26.68 -2.04
N GLY C 118 4.77 -25.66 -1.19
CA GLY C 118 5.51 -24.47 -1.51
C GLY C 118 4.67 -23.37 -2.12
N GLN C 119 3.56 -23.74 -2.76
CA GLN C 119 2.73 -22.78 -3.43
C GLN C 119 1.87 -22.08 -2.38
N LYS C 120 1.52 -20.82 -2.66
CA LYS C 120 1.15 -19.87 -1.61
C LYS C 120 -0.29 -19.43 -1.73
N MET C 121 -1.05 -19.50 -0.63
CA MET C 121 -2.43 -19.02 -0.66
C MET C 121 -2.68 -18.05 0.49
N ILE C 122 -3.47 -17.01 0.21
CA ILE C 122 -3.82 -15.99 1.18
C ILE C 122 -5.33 -16.02 1.39
N VAL C 123 -5.76 -16.19 2.63
CA VAL C 123 -7.17 -16.34 3.00
C VAL C 123 -7.59 -15.22 3.93
N GLN C 124 -8.87 -14.85 3.86
CA GLN C 124 -9.49 -14.07 4.92
C GLN C 124 -10.42 -14.99 5.72
N VAL C 125 -10.34 -14.88 7.04
CA VAL C 125 -11.13 -15.72 7.94
C VAL C 125 -12.52 -15.15 8.10
N THR C 126 -13.52 -15.96 7.79
CA THR C 126 -14.91 -15.59 8.00
C THR C 126 -15.67 -16.54 8.93
N ASN C 127 -15.05 -17.64 9.38
CA ASN C 127 -15.81 -18.64 10.11
C ASN C 127 -14.88 -19.46 11.01
N THR C 128 -15.49 -20.13 11.98
CA THR C 128 -14.84 -21.13 12.83
C THR C 128 -15.36 -22.51 12.44
N GLY C 129 -14.44 -23.44 12.19
CA GLY C 129 -14.81 -24.80 11.82
C GLY C 129 -15.12 -25.81 12.92
N SER C 130 -14.12 -26.13 13.73
CA SER C 130 -14.29 -27.07 14.83
C SER C 130 -13.18 -26.82 15.85
N ASP C 131 -13.49 -27.06 17.11
CA ASP C 131 -12.44 -26.87 18.11
C ASP C 131 -11.53 -28.10 18.11
N LEU C 132 -11.45 -28.80 16.97
CA LEU C 132 -10.31 -29.67 16.72
C LEU C 132 -9.05 -28.99 17.25
N ASN C 133 -8.26 -29.73 18.02
CA ASN C 133 -7.11 -29.15 18.73
C ASN C 133 -6.02 -28.58 17.80
N GLY C 134 -5.67 -27.30 17.99
CA GLY C 134 -4.50 -26.71 17.37
C GLY C 134 -4.86 -25.53 16.45
N ASN C 135 -4.18 -25.47 15.30
CA ASN C 135 -4.46 -24.49 14.26
C ASN C 135 -4.97 -25.28 13.06
N HIS C 136 -6.22 -25.05 12.73
CA HIS C 136 -6.97 -25.78 11.73
C HIS C 136 -7.53 -24.75 10.77
N PHE C 137 -7.34 -24.95 9.48
CA PHE C 137 -7.92 -24.07 8.48
C PHE C 137 -8.85 -24.90 7.60
N ASP C 138 -10.11 -24.47 7.49
CA ASP C 138 -11.11 -25.09 6.64
C ASP C 138 -11.35 -24.17 5.45
N LEU C 139 -10.70 -24.44 4.32
CA LEU C 139 -10.81 -23.56 3.16
C LEU C 139 -12.20 -23.65 2.53
N MET C 140 -12.73 -22.50 2.09
CA MET C 140 -13.99 -22.45 1.37
C MET C 140 -13.72 -22.64 -0.13
N ILE C 141 -14.09 -23.82 -0.65
CA ILE C 141 -13.98 -24.14 -2.06
C ILE C 141 -15.35 -24.72 -2.45
N PRO C 142 -16.06 -24.13 -3.41
CA PRO C 142 -17.39 -24.68 -3.77
C PRO C 142 -17.29 -26.11 -4.28
N GLY C 143 -17.91 -27.04 -3.54
CA GLY C 143 -17.86 -28.45 -3.87
C GLY C 143 -16.92 -29.35 -3.08
N GLY C 144 -16.11 -28.79 -2.17
CA GLY C 144 -15.21 -29.61 -1.38
C GLY C 144 -15.94 -30.37 -0.27
N GLY C 145 -17.24 -30.43 -0.38
CA GLY C 145 -18.01 -31.13 0.63
C GLY C 145 -18.67 -30.12 1.52
N VAL C 146 -19.89 -30.44 1.92
CA VAL C 146 -20.63 -29.53 2.76
C VAL C 146 -20.32 -29.79 4.23
N GLY C 147 -20.03 -31.02 4.57
CA GLY C 147 -19.65 -31.39 5.93
C GLY C 147 -20.84 -31.79 6.77
N ILE C 148 -21.12 -31.03 7.80
CA ILE C 148 -22.14 -31.49 8.72
C ILE C 148 -23.06 -30.32 9.05
N PHE C 149 -22.71 -29.13 8.60
CA PHE C 149 -23.70 -28.10 8.34
C PHE C 149 -23.89 -28.02 6.83
N ASN C 150 -25.11 -27.71 6.39
CA ASN C 150 -25.44 -27.81 4.97
C ASN C 150 -26.77 -27.13 4.66
N GLY C 151 -26.72 -25.87 4.24
CA GLY C 151 -27.88 -25.19 3.70
C GLY C 151 -27.84 -25.14 2.19
N CYS C 152 -27.08 -26.03 1.57
CA CYS C 152 -26.93 -25.98 0.12
C CYS C 152 -28.16 -26.51 -0.60
N GLN C 153 -28.93 -27.37 0.07
CA GLN C 153 -30.20 -27.87 -0.49
C GLN C 153 -31.24 -26.77 -0.55
N SER C 154 -31.29 -25.92 0.48
CA SER C 154 -32.29 -24.87 0.53
C SER C 154 -31.92 -23.71 -0.39
N GLN C 155 -30.63 -23.47 -0.63
CA GLN C 155 -30.22 -22.35 -1.48
C GLN C 155 -30.21 -22.73 -2.96
N TRP C 156 -29.74 -23.93 -3.29
CA TRP C 156 -29.52 -24.30 -4.68
C TRP C 156 -30.23 -25.58 -5.10
N GLY C 157 -30.92 -26.25 -4.19
CA GLY C 157 -31.46 -27.55 -4.52
C GLY C 157 -30.44 -28.67 -4.55
N ALA C 158 -29.33 -28.52 -3.83
CA ALA C 158 -28.41 -29.62 -3.70
C ALA C 158 -29.04 -30.73 -2.85
N PRO C 159 -28.53 -31.95 -2.94
CA PRO C 159 -29.02 -33.03 -2.08
C PRO C 159 -28.59 -32.88 -0.62
N SER C 160 -29.17 -33.73 0.23
CA SER C 160 -28.99 -33.67 1.69
C SER C 160 -27.55 -33.79 2.16
N ASN C 161 -26.65 -34.40 1.38
CA ASN C 161 -25.25 -34.53 1.76
C ASN C 161 -24.33 -33.60 0.97
N GLY C 162 -24.85 -32.60 0.27
CA GLY C 162 -24.07 -31.84 -0.69
C GLY C 162 -23.95 -32.51 -2.06
N TRP C 163 -23.11 -31.91 -2.92
CA TRP C 163 -23.04 -32.37 -4.30
C TRP C 163 -22.34 -33.73 -4.41
N GLY C 164 -21.20 -33.89 -3.75
CA GLY C 164 -20.52 -35.17 -3.77
C GLY C 164 -20.73 -35.92 -2.47
N GLN C 165 -19.65 -36.44 -1.92
CA GLN C 165 -19.71 -37.05 -0.61
C GLN C 165 -19.80 -35.99 0.49
N ARG C 166 -20.43 -36.37 1.60
CA ARG C 166 -20.64 -35.45 2.70
C ARG C 166 -19.34 -34.85 3.23
N TYR C 167 -18.22 -35.57 3.06
CA TYR C 167 -16.90 -35.08 3.44
C TYR C 167 -15.99 -35.18 2.22
N GLY C 168 -15.54 -34.05 1.71
CA GLY C 168 -14.67 -34.00 0.57
C GLY C 168 -15.35 -33.59 -0.72
N GLY C 169 -16.65 -33.79 -0.85
CA GLY C 169 -17.30 -33.32 -2.05
C GLY C 169 -17.13 -34.20 -3.27
N ILE C 170 -16.83 -33.59 -4.42
CA ILE C 170 -16.91 -34.36 -5.65
C ILE C 170 -15.54 -34.98 -5.96
N SER C 171 -15.52 -35.90 -6.92
CA SER C 171 -14.36 -36.69 -7.23
C SER C 171 -13.73 -36.33 -8.56
N SER C 172 -14.48 -35.67 -9.45
CA SER C 172 -14.06 -35.28 -10.79
C SER C 172 -14.63 -33.91 -11.11
N GLN C 173 -13.86 -33.09 -11.81
CA GLN C 173 -14.43 -31.86 -12.34
C GLN C 173 -15.43 -32.04 -13.47
N SER C 174 -15.49 -33.25 -14.05
CA SER C 174 -16.59 -33.46 -14.97
C SER C 174 -17.89 -33.13 -14.25
N GLU C 175 -17.91 -33.38 -12.95
CA GLU C 175 -18.99 -33.13 -12.01
C GLU C 175 -19.11 -31.66 -11.61
N CYS C 176 -18.19 -30.80 -12.05
CA CYS C 176 -18.32 -29.37 -11.77
C CYS C 176 -19.57 -28.76 -12.42
N ASN C 177 -20.04 -29.35 -13.52
CA ASN C 177 -21.28 -28.93 -14.14
C ASN C 177 -22.49 -29.18 -13.26
N GLN C 178 -22.34 -29.94 -12.16
CA GLN C 178 -23.47 -30.28 -11.29
C GLN C 178 -23.88 -29.17 -10.32
N LEU C 179 -22.95 -28.24 -9.95
CA LEU C 179 -23.27 -27.14 -9.05
C LEU C 179 -23.67 -25.89 -9.84
N PRO C 180 -24.37 -24.92 -9.20
CA PRO C 180 -24.80 -23.74 -9.96
C PRO C 180 -23.65 -23.04 -10.67
N THR C 181 -23.94 -22.40 -11.81
CA THR C 181 -22.90 -21.66 -12.54
C THR C 181 -22.19 -20.59 -11.71
N SER C 182 -22.90 -19.85 -10.86
CA SER C 182 -22.24 -18.79 -10.10
C SER C 182 -21.07 -19.30 -9.24
N LEU C 183 -20.91 -20.62 -9.09
CA LEU C 183 -19.85 -21.22 -8.30
C LEU C 183 -18.83 -22.06 -9.10
N ARG C 184 -19.01 -22.21 -10.42
CA ARG C 184 -18.23 -23.23 -11.15
C ARG C 184 -16.75 -22.92 -11.14
N ALA C 185 -16.39 -21.64 -11.23
CA ALA C 185 -14.99 -21.27 -11.17
C ALA C 185 -14.34 -21.93 -9.98
N GLY C 186 -14.93 -21.75 -8.80
CA GLY C 186 -14.35 -22.32 -7.59
C GLY C 186 -14.18 -23.82 -7.69
N CYS C 187 -15.25 -24.50 -8.12
CA CYS C 187 -15.16 -25.94 -8.34
C CYS C 187 -13.94 -26.25 -9.19
N ASN C 188 -13.85 -25.61 -10.35
CA ASN C 188 -12.76 -25.90 -11.27
C ASN C 188 -11.45 -25.56 -10.61
N TRP C 189 -11.43 -24.43 -9.90
CA TRP C 189 -10.25 -24.00 -9.17
C TRP C 189 -9.73 -25.12 -8.28
N ARG C 190 -10.64 -25.83 -7.60
CA ARG C 190 -10.24 -26.86 -6.63
C ARG C 190 -9.28 -27.89 -7.22
N PHE C 191 -9.40 -28.24 -8.50
CA PHE C 191 -8.44 -29.19 -9.02
C PHE C 191 -7.50 -28.54 -10.03
N GLY C 192 -7.64 -27.23 -10.28
CA GLY C 192 -6.81 -26.54 -11.26
C GLY C 192 -5.56 -25.91 -10.64
N TRP C 193 -5.69 -24.79 -9.92
CA TRP C 193 -4.56 -24.19 -9.19
C TRP C 193 -4.22 -24.98 -7.91
N PHE C 194 -5.25 -25.49 -7.24
CA PHE C 194 -5.19 -26.24 -6.00
C PHE C 194 -4.79 -27.70 -6.21
N LYS C 195 -4.84 -28.19 -7.44
CA LYS C 195 -4.31 -29.51 -7.83
C LYS C 195 -5.04 -30.63 -7.13
N ASN C 196 -6.30 -30.36 -6.77
CA ASN C 196 -7.10 -31.25 -5.94
C ASN C 196 -6.29 -31.74 -4.76
N ALA C 197 -5.56 -30.81 -4.15
CA ALA C 197 -4.87 -31.14 -2.92
C ALA C 197 -5.88 -31.69 -1.92
N ASP C 198 -5.51 -32.78 -1.26
CA ASP C 198 -6.41 -33.50 -0.36
C ASP C 198 -6.01 -33.14 1.07
N ASN C 199 -6.75 -32.21 1.68
CA ASN C 199 -6.50 -31.69 3.03
C ASN C 199 -5.00 -31.38 3.23
N PRO C 200 -4.44 -30.42 2.47
CA PRO C 200 -3.00 -30.11 2.60
C PRO C 200 -2.63 -29.41 3.90
N SER C 201 -1.50 -29.83 4.47
CA SER C 201 -0.89 -29.09 5.58
C SER C 201 -0.15 -27.87 5.05
N MET C 202 0.17 -26.96 5.96
CA MET C 202 0.77 -25.69 5.59
C MET C 202 1.54 -25.13 6.78
N LYS C 203 2.23 -24.01 6.55
CA LYS C 203 2.67 -23.14 7.62
C LYS C 203 2.33 -21.70 7.24
N PHE C 204 1.81 -20.94 8.20
CA PHE C 204 1.14 -19.66 7.97
C PHE C 204 1.73 -18.54 8.82
N THR C 205 1.47 -17.30 8.38
CA THR C 205 1.78 -16.06 9.10
C THR C 205 0.69 -15.02 8.83
N GLN C 206 0.38 -14.23 9.87
CA GLN C 206 -0.66 -13.22 9.75
C GLN C 206 -0.25 -12.13 8.77
N VAL C 207 -1.21 -11.65 8.00
CA VAL C 207 -0.96 -10.65 6.98
C VAL C 207 -1.99 -9.52 7.12
N ARG C 208 -1.56 -8.30 6.75
CA ARG C 208 -2.51 -7.20 6.67
C ARG C 208 -3.39 -7.41 5.43
N CYS C 209 -4.71 -7.37 5.63
CA CYS C 209 -5.64 -7.91 4.65
C CYS C 209 -5.59 -7.17 3.33
N PRO C 210 -5.40 -7.87 2.21
CA PRO C 210 -5.37 -7.19 0.90
C PRO C 210 -6.74 -6.65 0.52
N THR C 211 -6.73 -5.56 -0.24
CA THR C 211 -7.98 -4.97 -0.71
C THR C 211 -8.70 -5.90 -1.67
N ILE C 212 -7.99 -6.87 -2.25
CA ILE C 212 -8.58 -7.81 -3.18
C ILE C 212 -9.45 -8.86 -2.46
N LEU C 213 -9.22 -9.08 -1.16
CA LEU C 213 -10.11 -9.92 -0.37
C LEU C 213 -11.20 -9.11 0.33
N THR C 214 -10.79 -8.04 1.02
CA THR C 214 -11.73 -7.23 1.79
C THR C 214 -12.66 -6.42 0.90
N GLN C 215 -12.28 -6.21 -0.37
CA GLN C 215 -13.18 -5.60 -1.34
C GLN C 215 -14.31 -6.53 -1.74
N LYS C 216 -14.11 -7.84 -1.56
CA LYS C 216 -15.15 -8.85 -1.71
C LYS C 216 -15.94 -9.04 -0.41
N SER C 217 -15.23 -9.13 0.71
CA SER C 217 -15.86 -9.45 1.99
C SER C 217 -16.51 -8.24 2.66
N GLN C 218 -16.00 -7.04 2.39
CA GLN C 218 -16.44 -5.77 2.97
C GLN C 218 -16.07 -5.68 4.44
N CYS C 219 -15.22 -6.58 4.94
CA CYS C 219 -14.85 -6.64 6.36
C CYS C 219 -13.36 -6.39 6.56
N VAL C 220 -13.03 -5.19 7.04
CA VAL C 220 -11.66 -4.76 7.33
C VAL C 220 -11.57 -4.53 8.83
N ARG C 221 -10.63 -5.24 9.47
CA ARG C 221 -10.52 -5.19 10.93
C ARG C 221 -10.26 -3.81 11.52
N THR C 222 -10.84 -3.53 12.68
CA THR C 222 -10.75 -2.16 13.21
C THR C 222 -9.74 -1.76 14.24
N PRO C 223 -8.97 -2.59 14.90
CA PRO C 223 -7.81 -1.91 15.62
C PRO C 223 -6.70 -1.59 14.63
N GLY C 224 -6.77 -2.20 13.49
CA GLY C 224 -5.82 -2.13 12.43
C GLY C 224 -4.93 -3.37 12.23
#